data_8I2H
#
_entry.id   8I2H
#
_cell.length_a   1.00
_cell.length_b   1.00
_cell.length_c   1.00
_cell.angle_alpha   90.00
_cell.angle_beta   90.00
_cell.angle_gamma   90.00
#
_symmetry.space_group_name_H-M   'P 1'
#
_entity_poly.entity_id   1
_entity_poly.type   'polypeptide(L)'
_entity_poly.pdbx_seq_one_letter_code
;LGSGCHHRICHCSNRVFLCQESKVTEIPSDLPRNAIELRFVLTKLRVIQKGAFSGFGDLEKIEISQNDVLEVIEADVFSN
LPKLHEIRIEKANNLLYINPEAFQNLPNLQYLLISNTGIKHLPDVHKIHSLQKVLLDIQDNINIHTIERNSFVGLSFESV
ILWLNKNGIQEIHNCAFNGTQLDELNLSDNNNLEELPNDVFHGASGPVILDISRTRIHSLPSYGLENLKKLRARSTYNLK
KLPTLEKLVALMEASLTYPSHCCAFANWRRQISELHPICNKSILRQEVDYMTQARGQRSSLAEDNESSYSRGFDMTYTEF
DYDLCNEVVDVTCSPKPDAFNPCEDIMGYNILRVLIWFISILAITGNIIVLVILTTSQYKLTVPRFLMCNLAFADLCIGI
YLLLIASVDIHTKSQYHNYAIDWQTGAGCDAAGFFTVFASELSVYTLTAITLERWHTITHAMQLDCKVQLRHAASVMVMG
WIFAFAAALFPIFGISSYMKVSICLPMDIDSPLSQLYVMSLLVLNVLAFVVICGCYIHIYLTVRNPNIVSSSSDTRIAKR
MAMLIFTDFLCMAPISFFAISASLKVPLITVSKAKILLVLFHPINSCANPFLYAIFTKNFRRDFFILLSKCGCYEMQAQI
YRTETSSTVHNTHPRNGHCSSAPRVTNGSTYILVPLSHLAQN
;
_entity_poly.pdbx_strand_id   A
#
# COMPACT_ATOMS: atom_id res chain seq x y z
N HIS A 7 40.28 -1.77 -37.22
CA HIS A 7 40.66 -0.47 -36.59
C HIS A 7 41.56 -0.70 -35.38
N ARG A 8 42.57 0.17 -35.23
CA ARG A 8 43.52 0.00 -34.15
C ARG A 8 42.86 0.24 -32.79
N ILE A 9 41.94 1.20 -32.72
CA ILE A 9 41.34 1.60 -31.45
C ILE A 9 40.00 0.92 -31.18
N CYS A 10 39.30 0.46 -32.22
CA CYS A 10 37.99 -0.16 -32.05
C CYS A 10 37.87 -1.37 -32.95
N HIS A 11 37.30 -2.45 -32.41
CA HIS A 11 37.08 -3.65 -33.20
C HIS A 11 36.06 -3.38 -34.30
N CYS A 12 36.32 -3.94 -35.48
CA CYS A 12 35.45 -3.77 -36.64
C CYS A 12 34.97 -5.12 -37.13
N SER A 13 33.67 -5.21 -37.44
CA SER A 13 33.08 -6.44 -37.92
C SER A 13 31.76 -6.12 -38.61
N ASN A 14 31.66 -6.50 -39.88
CA ASN A 14 30.44 -6.28 -40.67
C ASN A 14 30.04 -4.81 -40.63
N ARG A 15 31.02 -3.94 -40.79
CA ARG A 15 30.84 -2.49 -40.79
C ARG A 15 30.37 -1.95 -39.45
N VAL A 16 30.54 -2.72 -38.38
CA VAL A 16 30.14 -2.31 -37.03
C VAL A 16 31.40 -2.06 -36.21
N PHE A 17 31.51 -0.86 -35.64
CA PHE A 17 32.66 -0.47 -34.84
C PHE A 17 32.26 -0.47 -33.37
N LEU A 18 33.03 -1.18 -32.55
CA LEU A 18 32.78 -1.30 -31.11
C LEU A 18 34.03 -0.80 -30.39
N CYS A 19 34.08 0.51 -30.15
CA CYS A 19 35.18 1.11 -29.41
C CYS A 19 34.93 0.98 -27.91
N GLN A 20 35.92 0.49 -27.19
CA GLN A 20 35.80 0.28 -25.75
C GLN A 20 37.13 0.59 -25.08
N GLU A 21 37.18 0.28 -23.78
CA GLU A 21 38.38 0.50 -22.98
C GLU A 21 38.61 1.99 -22.74
N SER A 22 39.62 2.31 -21.92
CA SER A 22 39.91 3.71 -21.64
C SER A 22 40.72 4.36 -22.77
N LYS A 23 41.22 3.56 -23.71
CA LYS A 23 42.01 4.10 -24.81
C LYS A 23 41.22 5.08 -25.66
N VAL A 24 39.89 5.03 -25.62
CA VAL A 24 39.06 5.91 -26.42
C VAL A 24 38.80 7.20 -25.66
N THR A 25 39.75 8.14 -25.73
CA THR A 25 39.58 9.44 -25.10
C THR A 25 38.83 10.43 -25.98
N GLU A 26 38.78 10.19 -27.28
CA GLU A 26 38.04 11.03 -28.21
C GLU A 26 37.54 10.18 -29.36
N ILE A 27 36.55 10.69 -30.08
CA ILE A 27 35.97 9.97 -31.21
C ILE A 27 37.05 9.84 -32.29
N PRO A 28 37.42 8.63 -32.70
CA PRO A 28 38.43 8.50 -33.77
C PRO A 28 37.91 9.06 -35.08
N SER A 29 38.77 9.86 -35.74
CA SER A 29 38.42 10.41 -37.04
C SER A 29 38.65 9.41 -38.17
N ASP A 30 39.37 8.31 -37.90
CA ASP A 30 39.68 7.32 -38.92
C ASP A 30 38.58 6.29 -39.11
N LEU A 31 37.49 6.38 -38.35
CA LEU A 31 36.41 5.42 -38.49
C LEU A 31 35.82 5.52 -39.89
N PRO A 32 35.55 4.40 -40.57
CA PRO A 32 34.99 4.47 -41.92
C PRO A 32 33.65 5.20 -41.92
N ARG A 33 33.43 6.02 -42.96
CA ARG A 33 32.17 6.73 -43.09
C ARG A 33 31.02 5.81 -43.44
N ASN A 34 31.30 4.59 -43.90
CA ASN A 34 30.26 3.64 -44.27
C ASN A 34 29.84 2.76 -43.10
N ALA A 35 30.38 2.97 -41.91
CA ALA A 35 30.01 2.16 -40.76
C ALA A 35 28.51 2.24 -40.52
N ILE A 36 27.89 1.08 -40.28
CA ILE A 36 26.45 1.03 -40.08
C ILE A 36 26.10 1.28 -38.62
N GLU A 37 26.83 0.66 -37.70
CA GLU A 37 26.57 0.78 -36.27
C GLU A 37 27.86 1.13 -35.55
N LEU A 38 27.80 2.13 -34.67
CA LEU A 38 28.93 2.54 -33.85
C LEU A 38 28.54 2.40 -32.38
N ARG A 39 29.36 1.69 -31.62
CA ARG A 39 29.10 1.42 -30.21
C ARG A 39 30.29 1.88 -29.37
N PHE A 40 30.01 2.67 -28.35
CA PHE A 40 31.02 3.15 -27.41
C PHE A 40 30.64 2.66 -26.01
N VAL A 41 31.50 1.82 -25.42
CA VAL A 41 31.25 1.23 -24.11
C VAL A 41 32.45 1.49 -23.23
N LEU A 42 32.19 2.04 -22.03
CA LEU A 42 33.24 2.31 -21.05
C LEU A 42 34.33 3.23 -21.62
N THR A 43 33.93 4.16 -22.49
CA THR A 43 34.89 5.07 -23.08
C THR A 43 35.31 6.13 -22.05
N LYS A 44 36.51 6.68 -22.27
CA LYS A 44 37.07 7.71 -21.41
C LYS A 44 36.79 9.11 -21.93
N LEU A 45 36.03 9.24 -23.02
CA LEU A 45 35.74 10.55 -23.59
C LEU A 45 35.00 11.43 -22.59
N ARG A 46 35.43 12.67 -22.48
CA ARG A 46 34.82 13.63 -21.56
C ARG A 46 33.85 14.56 -22.27
N VAL A 47 34.22 15.07 -23.44
CA VAL A 47 33.39 16.00 -24.20
C VAL A 47 33.32 15.51 -25.64
N ILE A 48 32.11 15.49 -26.19
CA ILE A 48 31.89 15.06 -27.58
C ILE A 48 32.06 16.26 -28.49
N GLN A 49 32.99 16.17 -29.43
CA GLN A 49 33.26 17.27 -30.35
C GLN A 49 32.04 17.52 -31.24
N LYS A 50 31.85 18.79 -31.58
CA LYS A 50 30.74 19.16 -32.46
C LYS A 50 30.93 18.55 -33.84
N GLY A 51 29.84 18.02 -34.40
CA GLY A 51 29.91 17.39 -35.70
C GLY A 51 30.77 16.14 -35.73
N ALA A 52 30.85 15.41 -34.62
CA ALA A 52 31.66 14.20 -34.59
C ALA A 52 31.11 13.13 -35.53
N PHE A 53 29.78 13.00 -35.59
CA PHE A 53 29.13 12.00 -36.43
C PHE A 53 28.83 12.51 -37.84
N SER A 54 29.25 13.73 -38.16
CA SER A 54 29.01 14.27 -39.49
C SER A 54 29.69 13.40 -40.56
N GLY A 55 29.00 13.21 -41.67
CA GLY A 55 29.50 12.39 -42.76
C GLY A 55 29.15 10.93 -42.67
N PHE A 56 28.53 10.48 -41.58
CA PHE A 56 28.13 9.08 -41.41
C PHE A 56 26.76 8.84 -42.03
N GLY A 57 26.72 8.94 -43.36
CA GLY A 57 25.47 8.73 -44.07
C GLY A 57 24.91 7.33 -43.91
N ASP A 58 25.79 6.33 -43.94
CA ASP A 58 25.36 4.93 -43.81
C ASP A 58 25.13 4.50 -42.37
N LEU A 59 25.43 5.34 -41.40
CA LEU A 59 25.22 4.99 -40.01
C LEU A 59 23.73 4.78 -39.74
N GLU A 60 23.40 3.68 -39.07
CA GLU A 60 22.03 3.33 -38.76
C GLU A 60 21.71 3.40 -37.27
N LYS A 61 22.63 2.93 -36.42
CA LYS A 61 22.41 2.92 -34.97
C LYS A 61 23.66 3.43 -34.27
N ILE A 62 23.45 4.24 -33.24
CA ILE A 62 24.53 4.78 -32.42
C ILE A 62 24.25 4.41 -30.97
N GLU A 63 25.24 3.78 -30.32
CA GLU A 63 25.10 3.31 -28.95
C GLU A 63 26.24 3.86 -28.11
N ILE A 64 25.90 4.53 -27.01
CA ILE A 64 26.87 5.05 -26.06
C ILE A 64 26.47 4.54 -24.68
N SER A 65 27.40 3.86 -24.01
CA SER A 65 27.14 3.28 -22.70
C SER A 65 28.39 3.38 -21.84
N GLN A 66 28.18 3.39 -20.52
CA GLN A 66 29.26 3.45 -19.54
C GLN A 66 30.15 4.66 -19.73
N ASN A 67 29.60 5.76 -20.24
CA ASN A 67 30.36 7.00 -20.45
C ASN A 67 30.36 7.78 -19.14
N ASP A 68 31.08 7.23 -18.15
CA ASP A 68 31.16 7.87 -16.86
C ASP A 68 31.86 9.23 -16.96
N VAL A 69 32.93 9.30 -17.76
CA VAL A 69 33.69 10.54 -17.87
C VAL A 69 33.03 11.56 -18.77
N LEU A 70 32.06 11.16 -19.59
CA LEU A 70 31.39 12.10 -20.47
C LEU A 70 30.71 13.19 -19.66
N GLU A 71 30.94 14.44 -20.06
CA GLU A 71 30.40 15.60 -19.33
C GLU A 71 29.57 16.52 -20.20
N VAL A 72 29.98 16.79 -21.43
CA VAL A 72 29.31 17.74 -22.30
C VAL A 72 29.21 17.16 -23.71
N ILE A 73 28.13 17.48 -24.40
CA ILE A 73 27.91 17.09 -25.78
C ILE A 73 27.82 18.35 -26.62
N GLU A 74 28.65 18.43 -27.65
CA GLU A 74 28.69 19.62 -28.50
C GLU A 74 27.51 19.63 -29.46
N ALA A 75 27.25 20.80 -30.05
CA ALA A 75 26.14 20.94 -30.97
C ALA A 75 26.44 20.28 -32.31
N ASP A 76 25.38 19.90 -33.02
CA ASP A 76 25.44 19.30 -34.35
C ASP A 76 26.12 17.94 -34.35
N VAL A 77 26.24 17.30 -33.19
CA VAL A 77 26.85 15.96 -33.16
C VAL A 77 26.00 14.97 -33.95
N PHE A 78 24.70 14.93 -33.66
CA PHE A 78 23.76 14.10 -34.40
C PHE A 78 23.09 14.95 -35.48
N SER A 79 23.88 15.36 -36.46
CA SER A 79 23.44 16.26 -37.52
C SER A 79 23.54 15.58 -38.88
N ASN A 80 22.50 15.74 -39.69
CA ASN A 80 22.48 15.25 -41.07
C ASN A 80 22.67 13.74 -41.15
N LEU A 81 22.01 12.98 -40.28
CA LEU A 81 22.05 11.53 -40.33
C LEU A 81 20.81 10.99 -41.03
N PRO A 82 20.88 10.61 -42.31
CA PRO A 82 19.68 10.11 -43.00
C PRO A 82 19.24 8.75 -42.51
N LYS A 83 20.20 7.84 -42.33
CA LYS A 83 19.89 6.46 -41.96
C LYS A 83 19.83 6.25 -40.45
N LEU A 84 20.18 7.25 -39.65
CA LEU A 84 20.19 7.10 -38.20
C LEU A 84 18.77 6.87 -37.70
N HIS A 85 18.47 5.64 -37.28
CA HIS A 85 17.14 5.28 -36.79
C HIS A 85 17.08 5.07 -35.28
N GLU A 86 18.16 4.59 -34.68
CA GLU A 86 18.20 4.32 -33.24
C GLU A 86 19.40 5.01 -32.62
N ILE A 87 19.17 5.75 -31.54
CA ILE A 87 20.22 6.40 -30.77
C ILE A 87 20.05 6.01 -29.31
N ARG A 88 21.13 5.49 -28.71
CA ARG A 88 21.11 5.00 -27.34
C ARG A 88 22.22 5.66 -26.55
N ILE A 89 21.85 6.30 -25.44
CA ILE A 89 22.80 6.89 -24.50
C ILE A 89 22.43 6.40 -23.10
N GLU A 90 23.42 5.85 -22.39
CA GLU A 90 23.18 5.28 -21.08
C GLU A 90 24.43 5.40 -20.22
N LYS A 91 24.23 5.36 -18.91
CA LYS A 91 25.34 5.37 -17.95
C LYS A 91 26.21 6.61 -18.10
N ALA A 92 25.61 7.70 -18.59
CA ALA A 92 26.33 8.97 -18.73
C ALA A 92 26.02 9.85 -17.52
N ASN A 93 26.45 9.36 -16.36
CA ASN A 93 26.14 10.04 -15.09
C ASN A 93 26.70 11.45 -15.08
N ASN A 94 27.91 11.64 -15.61
CA ASN A 94 28.56 12.93 -15.60
C ASN A 94 28.06 13.87 -16.69
N LEU A 95 27.21 13.39 -17.59
CA LEU A 95 26.69 14.22 -18.68
C LEU A 95 25.67 15.21 -18.14
N LEU A 96 26.12 16.43 -17.82
CA LEU A 96 25.25 17.45 -17.26
C LEU A 96 24.78 18.46 -18.31
N TYR A 97 25.57 18.69 -19.35
CA TYR A 97 25.27 19.71 -20.35
C TYR A 97 25.12 19.04 -21.71
N ILE A 98 24.02 19.34 -22.40
CA ILE A 98 23.75 18.83 -23.73
C ILE A 98 23.47 20.03 -24.65
N ASN A 99 24.17 20.08 -25.77
CA ASN A 99 24.00 21.19 -26.70
C ASN A 99 22.58 21.18 -27.26
N PRO A 100 21.88 22.32 -27.26
CA PRO A 100 20.52 22.34 -27.85
C PRO A 100 20.49 21.90 -29.31
N GLU A 101 21.51 22.26 -30.09
CA GLU A 101 21.57 21.90 -31.50
C GLU A 101 22.26 20.57 -31.75
N ALA A 102 22.41 19.73 -30.71
CA ALA A 102 23.09 18.45 -30.88
C ALA A 102 22.37 17.56 -31.88
N PHE A 103 21.03 17.50 -31.80
CA PHE A 103 20.24 16.64 -32.65
C PHE A 103 19.50 17.49 -33.69
N GLN A 104 19.61 17.10 -34.95
CA GLN A 104 18.95 17.83 -36.04
C GLN A 104 19.08 17.02 -37.32
N ASN A 105 18.11 17.18 -38.21
CA ASN A 105 18.15 16.52 -39.52
C ASN A 105 18.24 15.01 -39.37
N LEU A 106 17.21 14.40 -38.78
CA LEU A 106 17.13 12.95 -38.59
C LEU A 106 15.78 12.47 -39.11
N PRO A 107 15.59 12.46 -40.43
CA PRO A 107 14.28 12.04 -40.97
C PRO A 107 13.92 10.61 -40.59
N ASN A 108 14.89 9.71 -40.52
CA ASN A 108 14.64 8.30 -40.27
C ASN A 108 14.71 7.93 -38.79
N LEU A 109 14.90 8.91 -37.91
CA LEU A 109 14.98 8.62 -36.49
C LEU A 109 13.71 7.92 -36.02
N GLN A 110 13.88 6.82 -35.30
CA GLN A 110 12.76 6.04 -34.77
C GLN A 110 12.83 5.79 -33.27
N TYR A 111 14.04 5.61 -32.72
CA TYR A 111 14.22 5.37 -31.30
C TYR A 111 15.32 6.28 -30.78
N LEU A 112 15.06 6.94 -29.65
CA LEU A 112 16.05 7.81 -29.00
C LEU A 112 15.98 7.55 -27.51
N LEU A 113 16.95 6.82 -26.98
CA LEU A 113 16.98 6.42 -25.59
C LEU A 113 18.11 7.17 -24.87
N ILE A 114 17.75 7.93 -23.84
CA ILE A 114 18.71 8.62 -22.99
C ILE A 114 18.39 8.24 -21.55
N SER A 115 19.34 7.59 -20.88
CA SER A 115 19.12 7.10 -19.52
C SER A 115 20.39 7.32 -18.69
N ASN A 116 20.20 7.37 -17.37
CA ASN A 116 21.31 7.56 -16.44
C ASN A 116 22.15 8.76 -16.83
N THR A 117 21.50 9.92 -16.95
CA THR A 117 22.15 11.15 -17.37
C THR A 117 21.91 12.23 -16.33
N GLY A 118 22.94 13.04 -16.11
CA GLY A 118 22.87 14.14 -15.17
C GLY A 118 22.32 15.43 -15.74
N ILE A 119 21.90 15.43 -17.00
CA ILE A 119 21.38 16.65 -17.61
C ILE A 119 20.15 17.12 -16.85
N LYS A 120 20.15 18.42 -16.51
CA LYS A 120 19.04 19.00 -15.76
C LYS A 120 17.91 19.51 -16.65
N HIS A 121 18.10 19.54 -17.97
CA HIS A 121 17.10 20.01 -18.90
C HIS A 121 16.92 19.00 -20.03
N LEU A 122 15.69 18.90 -20.51
CA LEU A 122 15.41 17.96 -21.60
C LEU A 122 16.10 18.44 -22.87
N PRO A 123 16.75 17.54 -23.62
CA PRO A 123 17.37 17.96 -24.89
C PRO A 123 16.34 18.54 -25.84
N ASP A 124 16.77 19.55 -26.61
CA ASP A 124 15.90 20.22 -27.58
C ASP A 124 15.89 19.41 -28.86
N VAL A 125 14.78 18.69 -29.11
CA VAL A 125 14.64 17.87 -30.31
C VAL A 125 13.79 18.53 -31.38
N HIS A 126 13.60 19.85 -31.32
CA HIS A 126 12.76 20.51 -32.30
C HIS A 126 13.32 20.36 -33.72
N LYS A 127 14.63 20.22 -33.86
CA LYS A 127 15.27 20.11 -35.16
C LYS A 127 15.32 18.68 -35.67
N ILE A 128 14.81 17.71 -34.92
CA ILE A 128 14.85 16.32 -35.36
C ILE A 128 14.08 16.16 -36.67
N HIS A 129 12.84 16.66 -36.71
CA HIS A 129 12.01 16.61 -37.92
C HIS A 129 11.95 15.19 -38.47
N SER A 130 11.77 14.22 -37.57
CA SER A 130 11.71 12.82 -38.00
C SER A 130 10.41 12.55 -38.76
N LEU A 131 10.54 11.96 -39.95
CA LEU A 131 9.36 11.65 -40.76
C LEU A 131 8.59 10.46 -40.21
N GLN A 132 9.30 9.40 -39.80
CA GLN A 132 8.65 8.22 -39.26
C GLN A 132 8.38 8.40 -37.76
N LYS A 133 7.60 7.47 -37.21
CA LYS A 133 7.28 7.51 -35.79
C LYS A 133 8.57 7.42 -34.96
N VAL A 134 8.69 8.29 -33.97
CA VAL A 134 9.88 8.36 -33.12
C VAL A 134 9.45 8.03 -31.69
N LEU A 135 10.10 7.03 -31.10
CA LEU A 135 9.82 6.63 -29.73
C LEU A 135 10.89 7.20 -28.82
N LEU A 136 10.49 8.11 -27.92
CA LEU A 136 11.41 8.74 -26.98
C LEU A 136 11.40 7.96 -25.67
N ASP A 137 12.59 7.59 -25.21
CA ASP A 137 12.75 6.81 -23.98
C ASP A 137 13.73 7.56 -23.07
N ILE A 138 13.18 8.45 -22.24
CA ILE A 138 13.96 9.21 -21.27
C ILE A 138 13.61 8.69 -19.88
N GLN A 139 14.61 8.19 -19.16
CA GLN A 139 14.40 7.62 -17.84
C GLN A 139 15.65 7.82 -17.00
N ASP A 140 15.50 7.69 -15.69
CA ASP A 140 16.61 7.85 -14.74
C ASP A 140 17.21 9.24 -14.82
N ASN A 141 16.40 10.22 -15.25
CA ASN A 141 16.84 11.60 -15.37
C ASN A 141 16.40 12.35 -14.11
N ILE A 142 17.13 12.10 -13.02
CA ILE A 142 16.80 12.74 -11.75
C ILE A 142 17.01 14.25 -11.84
N ASN A 143 18.02 14.69 -12.59
CA ASN A 143 18.31 16.10 -12.72
C ASN A 143 17.19 16.88 -13.40
N ILE A 144 16.38 16.24 -14.24
CA ILE A 144 15.27 16.92 -14.90
C ILE A 144 14.14 17.09 -13.89
N HIS A 145 13.68 18.33 -13.72
CA HIS A 145 12.64 18.63 -12.75
C HIS A 145 11.45 19.36 -13.34
N THR A 146 11.58 20.02 -14.49
CA THR A 146 10.50 20.78 -15.09
C THR A 146 10.45 20.53 -16.58
N ILE A 147 9.26 20.67 -17.16
CA ILE A 147 9.05 20.51 -18.59
C ILE A 147 8.59 21.84 -19.16
N GLU A 148 9.31 22.35 -20.16
CA GLU A 148 8.99 23.64 -20.75
C GLU A 148 7.90 23.49 -21.81
N ARG A 149 7.29 24.62 -22.15
CA ARG A 149 6.24 24.64 -23.16
C ARG A 149 6.82 24.26 -24.52
N ASN A 150 6.07 23.44 -25.26
CA ASN A 150 6.46 23.00 -26.59
C ASN A 150 7.82 22.29 -26.58
N SER A 151 8.12 21.54 -25.51
CA SER A 151 9.39 20.84 -25.43
C SER A 151 9.52 19.80 -26.54
N PHE A 152 8.45 19.06 -26.80
CA PHE A 152 8.46 17.99 -27.80
C PHE A 152 8.03 18.49 -29.19
N VAL A 153 7.74 19.79 -29.33
CA VAL A 153 7.33 20.32 -30.62
C VAL A 153 8.46 20.16 -31.63
N GLY A 154 8.12 19.66 -32.81
CA GLY A 154 9.09 19.47 -33.87
C GLY A 154 9.89 18.20 -33.79
N LEU A 155 9.60 17.31 -32.84
CA LEU A 155 10.35 16.07 -32.72
C LEU A 155 10.17 15.21 -33.97
N SER A 156 8.92 15.00 -34.39
CA SER A 156 8.62 14.21 -35.57
C SER A 156 7.25 14.59 -36.10
N PHE A 157 7.06 14.37 -37.40
CA PHE A 157 5.78 14.68 -38.03
C PHE A 157 4.70 13.67 -37.67
N GLU A 158 5.06 12.39 -37.58
CA GLU A 158 4.10 11.34 -37.28
C GLU A 158 3.94 11.18 -35.77
N SER A 159 3.19 10.16 -35.37
CA SER A 159 2.97 9.90 -33.96
C SER A 159 4.29 9.53 -33.28
N VAL A 160 4.40 9.95 -32.02
CA VAL A 160 5.60 9.72 -31.22
C VAL A 160 5.18 9.25 -29.84
N ILE A 161 5.93 8.29 -29.28
CA ILE A 161 5.69 7.77 -27.95
C ILE A 161 6.75 8.35 -27.02
N LEU A 162 6.32 9.01 -25.97
CA LEU A 162 7.21 9.70 -25.03
C LEU A 162 7.27 8.89 -23.74
N TRP A 163 8.34 8.12 -23.58
CA TRP A 163 8.57 7.35 -22.36
C TRP A 163 9.41 8.21 -21.41
N LEU A 164 8.73 8.92 -20.51
CA LEU A 164 9.38 9.83 -19.57
C LEU A 164 9.32 9.29 -18.14
N ASN A 165 9.16 7.99 -17.96
CA ASN A 165 9.08 7.41 -16.63
C ASN A 165 10.45 7.43 -15.96
N LYS A 166 10.44 7.29 -14.64
CA LYS A 166 11.67 7.28 -13.84
C LYS A 166 12.37 8.63 -13.88
N ASN A 167 11.61 9.71 -14.07
CA ASN A 167 12.17 11.05 -14.14
C ASN A 167 11.86 11.80 -12.85
N GLY A 168 12.64 12.86 -12.60
CA GLY A 168 12.46 13.68 -11.42
C GLY A 168 11.59 14.90 -11.66
N ILE A 169 10.81 14.86 -12.74
CA ILE A 169 9.95 15.99 -13.10
C ILE A 169 8.97 16.26 -11.97
N GLN A 170 8.98 17.50 -11.47
CA GLN A 170 8.09 17.90 -10.38
C GLN A 170 6.91 18.72 -10.86
N GLU A 171 7.10 19.56 -11.88
CA GLU A 171 6.05 20.40 -12.41
C GLU A 171 6.10 20.37 -13.94
N ILE A 172 4.95 20.61 -14.55
CA ILE A 172 4.80 20.61 -16.00
C ILE A 172 4.17 21.92 -16.43
N HIS A 173 4.76 22.59 -17.42
CA HIS A 173 4.23 23.84 -17.91
C HIS A 173 3.07 23.60 -18.87
N ASN A 174 2.26 24.63 -19.05
CA ASN A 174 1.11 24.54 -19.94
C ASN A 174 1.58 24.38 -21.39
N CYS A 175 0.80 23.63 -22.17
CA CYS A 175 1.11 23.38 -23.58
C CYS A 175 2.49 22.74 -23.73
N ALA A 176 2.84 21.83 -22.80
CA ALA A 176 4.13 21.17 -22.86
C ALA A 176 4.27 20.34 -24.13
N PHE A 177 3.22 19.62 -24.49
CA PHE A 177 3.23 18.74 -25.66
C PHE A 177 2.57 19.37 -26.88
N ASN A 178 2.37 20.69 -26.88
CA ASN A 178 1.70 21.35 -27.99
C ASN A 178 2.45 21.10 -29.29
N GLY A 179 1.71 20.84 -30.36
CA GLY A 179 2.31 20.57 -31.65
C GLY A 179 2.96 19.20 -31.75
N THR A 180 2.53 18.25 -30.93
CA THR A 180 3.08 16.90 -30.93
C THR A 180 1.93 15.89 -30.99
N GLN A 181 2.13 14.84 -31.79
CA GLN A 181 1.14 13.77 -31.93
C GLN A 181 1.49 12.66 -30.95
N LEU A 182 1.13 12.89 -29.68
CA LEU A 182 1.47 11.95 -28.62
C LEU A 182 0.62 10.69 -28.76
N ASP A 183 1.27 9.55 -29.00
CA ASP A 183 0.56 8.29 -29.07
C ASP A 183 0.40 7.66 -27.69
N GLU A 184 1.50 7.46 -26.98
CA GLU A 184 1.49 6.92 -25.64
C GLU A 184 2.44 7.73 -24.77
N LEU A 185 2.04 7.95 -23.51
CA LEU A 185 2.83 8.71 -22.56
C LEU A 185 3.11 7.84 -21.34
N ASN A 186 4.38 7.76 -20.94
CA ASN A 186 4.80 6.97 -19.79
C ASN A 186 5.50 7.91 -18.80
N LEU A 187 4.71 8.52 -17.93
CA LEU A 187 5.21 9.43 -16.90
C LEU A 187 5.28 8.78 -15.53
N SER A 188 5.12 7.46 -15.45
CA SER A 188 5.12 6.79 -14.16
C SER A 188 6.46 6.97 -13.45
N ASP A 189 6.48 6.61 -12.17
CA ASP A 189 7.66 6.72 -11.32
C ASP A 189 8.03 8.16 -11.01
N ASN A 190 7.13 9.10 -11.28
CA ASN A 190 7.39 10.52 -11.00
C ASN A 190 6.85 10.84 -9.60
N ASN A 191 7.72 10.61 -8.61
CA ASN A 191 7.33 10.87 -7.22
C ASN A 191 7.02 12.34 -6.98
N ASN A 192 7.83 13.23 -7.56
CA ASN A 192 7.66 14.67 -7.36
C ASN A 192 6.50 15.25 -8.16
N LEU A 193 5.93 14.49 -9.09
CA LEU A 193 4.79 14.97 -9.88
C LEU A 193 3.58 15.10 -8.96
N GLU A 194 3.21 16.34 -8.65
CA GLU A 194 2.10 16.60 -7.73
C GLU A 194 0.83 17.04 -8.43
N GLU A 195 0.92 17.75 -9.54
CA GLU A 195 -0.25 18.24 -10.25
C GLU A 195 0.09 18.42 -11.73
N LEU A 196 -0.94 18.39 -12.57
CA LEU A 196 -0.79 18.58 -14.00
C LEU A 196 -1.66 19.74 -14.45
N PRO A 197 -1.14 20.73 -15.18
CA PRO A 197 -1.98 21.86 -15.60
C PRO A 197 -3.07 21.42 -16.56
N ASN A 198 -4.18 22.15 -16.53
CA ASN A 198 -5.31 21.81 -17.40
C ASN A 198 -4.92 21.96 -18.87
N ASP A 199 -4.15 23.01 -19.20
CA ASP A 199 -3.73 23.27 -20.57
C ASP A 199 -2.44 22.53 -20.93
N VAL A 200 -2.10 21.46 -20.21
CA VAL A 200 -0.88 20.72 -20.52
C VAL A 200 -0.98 20.12 -21.92
N PHE A 201 -2.12 19.53 -22.24
CA PHE A 201 -2.33 18.89 -23.54
C PHE A 201 -2.88 19.85 -24.59
N HIS A 202 -3.05 21.13 -24.27
CA HIS A 202 -3.55 22.09 -25.24
C HIS A 202 -2.64 22.14 -26.45
N GLY A 203 -3.23 22.08 -27.64
CA GLY A 203 -2.48 22.10 -28.87
C GLY A 203 -1.84 20.79 -29.26
N ALA A 204 -2.08 19.72 -28.49
CA ALA A 204 -1.47 18.43 -28.75
C ALA A 204 -2.53 17.42 -29.17
N SER A 205 -2.07 16.30 -29.73
CA SER A 205 -2.92 15.19 -30.13
C SER A 205 -2.75 14.06 -29.13
N GLY A 206 -3.86 13.54 -28.61
CA GLY A 206 -3.83 12.50 -27.62
C GLY A 206 -3.53 13.07 -26.24
N PRO A 207 -2.78 12.34 -25.41
CA PRO A 207 -2.18 11.01 -25.65
C PRO A 207 -3.23 9.90 -25.73
N VAL A 208 -2.96 8.83 -26.47
CA VAL A 208 -3.88 7.71 -26.54
C VAL A 208 -3.78 6.86 -25.27
N ILE A 209 -2.56 6.58 -24.83
CA ILE A 209 -2.31 5.77 -23.64
C ILE A 209 -1.52 6.62 -22.66
N LEU A 210 -1.99 6.67 -21.41
CA LEU A 210 -1.36 7.44 -20.35
C LEU A 210 -0.96 6.50 -19.22
N ASP A 211 0.26 6.67 -18.72
CA ASP A 211 0.80 5.85 -17.63
C ASP A 211 1.34 6.79 -16.56
N ILE A 212 0.51 7.07 -15.55
CA ILE A 212 0.89 7.94 -14.44
C ILE A 212 1.03 7.15 -13.14
N SER A 213 1.28 5.85 -13.23
CA SER A 213 1.41 5.04 -12.03
C SER A 213 2.59 5.49 -11.19
N ARG A 214 2.43 5.40 -9.86
CA ARG A 214 3.46 5.81 -8.92
C ARG A 214 3.77 7.30 -9.07
N THR A 215 2.73 8.11 -8.88
CA THR A 215 2.84 9.56 -8.98
C THR A 215 1.92 10.20 -7.96
N ARG A 216 2.23 11.46 -7.62
CA ARG A 216 1.47 12.21 -6.64
C ARG A 216 0.48 13.17 -7.28
N ILE A 217 0.07 12.91 -8.53
CA ILE A 217 -0.88 13.76 -9.23
C ILE A 217 -2.19 13.81 -8.45
N HIS A 218 -2.57 14.99 -7.97
CA HIS A 218 -3.80 15.13 -7.22
C HIS A 218 -5.03 14.93 -8.10
N SER A 219 -5.02 15.49 -9.31
CA SER A 219 -6.14 15.36 -10.23
C SER A 219 -5.63 15.45 -11.66
N LEU A 220 -6.41 14.91 -12.58
CA LEU A 220 -6.04 14.92 -13.99
C LEU A 220 -6.59 16.17 -14.68
N PRO A 221 -6.01 16.56 -15.81
CA PRO A 221 -6.54 17.73 -16.54
C PRO A 221 -8.00 17.52 -16.94
N SER A 222 -8.76 18.62 -16.90
CA SER A 222 -10.17 18.56 -17.25
C SER A 222 -10.40 18.51 -18.76
N TYR A 223 -9.36 18.72 -19.56
CA TYR A 223 -9.49 18.71 -21.01
C TYR A 223 -8.26 18.06 -21.63
N GLY A 224 -8.40 17.62 -22.87
CA GLY A 224 -7.34 16.97 -23.59
C GLY A 224 -7.30 15.46 -23.44
N LEU A 225 -8.13 14.89 -22.58
CA LEU A 225 -8.17 13.45 -22.37
C LEU A 225 -9.24 12.75 -23.20
N GLU A 226 -9.91 13.48 -24.11
CA GLU A 226 -10.96 12.87 -24.91
C GLU A 226 -10.41 11.72 -25.76
N ASN A 227 -9.15 11.80 -26.17
CA ASN A 227 -8.54 10.77 -27.00
C ASN A 227 -7.81 9.70 -26.17
N LEU A 228 -7.86 9.79 -24.85
CA LEU A 228 -7.18 8.82 -24.00
C LEU A 228 -7.90 7.48 -24.08
N LYS A 229 -7.25 6.49 -24.68
CA LYS A 229 -7.86 5.16 -24.80
C LYS A 229 -7.54 4.29 -23.59
N LYS A 230 -6.32 4.38 -23.07
CA LYS A 230 -5.90 3.59 -21.92
C LYS A 230 -5.29 4.52 -20.89
N LEU A 231 -5.62 4.28 -19.62
CA LEU A 231 -5.10 5.07 -18.51
C LEU A 231 -4.55 4.15 -17.45
N ARG A 232 -3.31 4.42 -17.02
CA ARG A 232 -2.65 3.66 -15.97
C ARG A 232 -2.32 4.60 -14.82
N ALA A 233 -2.82 4.27 -13.63
CA ALA A 233 -2.59 5.10 -12.45
C ALA A 233 -2.28 4.23 -11.23
N ARG A 234 -1.63 3.09 -11.42
CA ARG A 234 -1.33 2.20 -10.32
C ARG A 234 -0.47 2.91 -9.28
N SER A 235 -0.83 2.73 -8.01
CA SER A 235 -0.14 3.35 -6.88
C SER A 235 -0.36 4.87 -6.82
N THR A 236 -1.30 5.40 -7.60
CA THR A 236 -1.58 6.84 -7.60
C THR A 236 -2.60 7.17 -6.50
N TYR A 237 -2.12 7.14 -5.26
CA TYR A 237 -2.98 7.43 -4.13
C TYR A 237 -3.51 8.86 -4.17
N ASN A 238 -2.68 9.81 -4.62
CA ASN A 238 -3.09 11.21 -4.64
C ASN A 238 -4.28 11.46 -5.57
N LEU A 239 -4.52 10.56 -6.53
CA LEU A 239 -5.64 10.72 -7.46
C LEU A 239 -6.94 10.25 -6.81
N LYS A 240 -7.38 10.96 -5.77
CA LYS A 240 -8.60 10.56 -5.07
C LYS A 240 -9.82 10.66 -5.97
N LYS A 241 -9.91 11.73 -6.78
CA LYS A 241 -11.05 11.97 -7.64
C LYS A 241 -10.59 12.10 -9.09
N LEU A 242 -11.35 11.48 -10.01
CA LEU A 242 -11.03 11.53 -11.43
C LEU A 242 -12.08 12.36 -12.18
N PRO A 243 -11.73 12.89 -13.35
CA PRO A 243 -12.70 13.67 -14.13
C PRO A 243 -13.95 12.88 -14.43
N THR A 244 -14.99 13.59 -14.89
CA THR A 244 -16.25 12.94 -15.23
C THR A 244 -16.06 11.95 -16.36
N LEU A 245 -16.85 10.87 -16.32
CA LEU A 245 -16.75 9.85 -17.36
C LEU A 245 -17.07 10.41 -18.74
N GLU A 246 -17.82 11.51 -18.79
CA GLU A 246 -18.17 12.10 -20.09
C GLU A 246 -16.91 12.55 -20.83
N LYS A 247 -15.96 13.15 -20.12
CA LYS A 247 -14.73 13.61 -20.77
C LYS A 247 -13.94 12.44 -21.35
N LEU A 248 -13.85 11.33 -20.63
CA LEU A 248 -13.13 10.15 -21.09
C LEU A 248 -13.98 9.26 -21.97
N VAL A 249 -14.51 9.80 -23.07
CA VAL A 249 -15.36 9.01 -23.96
C VAL A 249 -14.57 7.86 -24.57
N ALA A 250 -13.35 8.14 -25.01
CA ALA A 250 -12.53 7.12 -25.67
C ALA A 250 -11.87 6.17 -24.70
N LEU A 251 -11.97 6.40 -23.40
CA LEU A 251 -11.35 5.53 -22.41
C LEU A 251 -11.96 4.14 -22.51
N MET A 252 -11.17 3.17 -22.95
CA MET A 252 -11.62 1.79 -23.09
C MET A 252 -11.09 0.88 -21.98
N GLU A 253 -9.86 1.13 -21.50
CA GLU A 253 -9.28 0.34 -20.42
C GLU A 253 -8.68 1.29 -19.39
N ALA A 254 -8.77 0.91 -18.12
CA ALA A 254 -8.27 1.73 -17.03
C ALA A 254 -7.59 0.83 -16.00
N SER A 255 -6.48 1.33 -15.43
CA SER A 255 -5.74 0.65 -14.37
C SER A 255 -5.52 1.65 -13.25
N LEU A 256 -6.50 1.76 -12.36
CA LEU A 256 -6.44 2.70 -11.25
C LEU A 256 -5.98 1.98 -9.98
N THR A 257 -5.97 2.68 -8.86
CA THR A 257 -5.59 2.13 -7.57
C THR A 257 -6.71 2.20 -6.54
N TYR A 258 -7.93 2.53 -6.95
CA TYR A 258 -9.07 2.66 -6.03
C TYR A 258 -10.22 1.81 -6.57
N PRO A 259 -10.48 0.66 -5.97
CA PRO A 259 -11.63 -0.16 -6.43
C PRO A 259 -12.95 0.58 -6.35
N SER A 260 -13.09 1.53 -5.41
CA SER A 260 -14.34 2.28 -5.31
C SER A 260 -14.62 3.05 -6.59
N HIS A 261 -13.60 3.66 -7.18
CA HIS A 261 -13.80 4.38 -8.45
C HIS A 261 -14.29 3.44 -9.54
N CYS A 262 -13.73 2.23 -9.60
CA CYS A 262 -14.18 1.26 -10.59
C CYS A 262 -15.65 0.88 -10.36
N CYS A 263 -16.05 0.74 -9.10
CA CYS A 263 -17.45 0.44 -8.80
C CYS A 263 -18.37 1.55 -9.28
N ALA A 264 -17.99 2.81 -9.07
CA ALA A 264 -18.79 3.93 -9.54
C ALA A 264 -18.91 3.91 -11.06
N PHE A 265 -17.81 3.62 -11.75
CA PHE A 265 -17.86 3.53 -13.20
C PHE A 265 -18.77 2.41 -13.65
N ALA A 266 -18.76 1.27 -12.94
CA ALA A 266 -19.65 0.17 -13.27
C ALA A 266 -21.11 0.59 -13.14
N ASN A 267 -21.42 1.35 -12.08
CA ASN A 267 -22.78 1.87 -11.93
C ASN A 267 -23.14 2.78 -13.09
N TRP A 268 -22.20 3.63 -13.53
CA TRP A 268 -22.45 4.47 -14.68
C TRP A 268 -22.68 3.65 -15.93
N ARG A 269 -21.95 2.54 -16.09
CA ARG A 269 -22.15 1.66 -17.23
C ARG A 269 -23.56 1.09 -17.24
N ARG A 270 -24.05 0.70 -16.06
CA ARG A 270 -25.43 0.21 -15.97
C ARG A 270 -26.42 1.30 -16.36
N GLN A 271 -26.18 2.54 -15.92
CA GLN A 271 -27.03 3.65 -16.32
C GLN A 271 -26.97 3.87 -17.83
N ILE A 272 -25.77 3.77 -18.41
CA ILE A 272 -25.63 3.93 -19.85
C ILE A 272 -26.44 2.86 -20.59
N SER A 273 -26.37 1.62 -20.12
CA SER A 273 -27.15 0.54 -20.74
C SER A 273 -28.64 0.80 -20.61
N GLU A 274 -29.09 1.27 -19.46
CA GLU A 274 -30.50 1.56 -19.24
C GLU A 274 -30.97 2.67 -20.18
N VAL A 331 -16.08 -0.71 -20.21
CA VAL A 331 -14.67 -0.37 -20.09
C VAL A 331 -13.98 -1.29 -19.09
N THR A 332 -12.87 -1.88 -19.49
CA THR A 332 -12.11 -2.79 -18.64
C THR A 332 -11.31 -1.96 -17.65
N CYS A 333 -11.90 -1.73 -16.48
CA CYS A 333 -11.29 -0.94 -15.41
C CYS A 333 -10.89 -1.85 -14.27
N SER A 334 -9.64 -1.74 -13.83
CA SER A 334 -9.11 -2.55 -12.74
C SER A 334 -8.43 -1.66 -11.70
N PRO A 335 -8.38 -2.11 -10.44
CA PRO A 335 -8.91 -3.37 -9.90
C PRO A 335 -10.43 -3.34 -9.78
N LYS A 336 -11.08 -4.48 -10.00
CA LYS A 336 -12.54 -4.53 -9.95
C LYS A 336 -13.02 -4.49 -8.50
N PRO A 337 -14.26 -4.03 -8.27
CA PRO A 337 -14.80 -4.05 -6.90
C PRO A 337 -14.89 -5.46 -6.34
N ASP A 338 -14.79 -5.59 -5.02
CA ASP A 338 -14.84 -6.89 -4.37
C ASP A 338 -15.53 -6.73 -3.03
N ALA A 339 -15.85 -7.89 -2.42
CA ALA A 339 -16.54 -7.90 -1.13
C ALA A 339 -15.70 -7.30 -0.02
N PHE A 340 -14.39 -7.12 -0.21
CA PHE A 340 -13.57 -6.49 0.81
C PHE A 340 -13.91 -5.01 0.97
N ASN A 341 -14.23 -4.34 -0.13
CA ASN A 341 -14.62 -2.93 -0.11
C ASN A 341 -15.90 -2.75 -0.90
N PRO A 342 -17.02 -3.25 -0.39
CA PRO A 342 -18.28 -3.18 -1.15
C PRO A 342 -18.74 -1.73 -1.31
N CYS A 343 -19.34 -1.44 -2.47
CA CYS A 343 -19.88 -0.12 -2.75
C CYS A 343 -21.33 0.03 -2.32
N GLU A 344 -22.05 -1.08 -2.11
CA GLU A 344 -23.46 -1.00 -1.71
C GLU A 344 -23.58 -0.76 -0.21
N ASP A 345 -23.06 -1.69 0.60
CA ASP A 345 -23.12 -1.56 2.05
C ASP A 345 -21.91 -2.26 2.65
N ILE A 346 -21.37 -1.67 3.71
CA ILE A 346 -20.21 -2.26 4.38
C ILE A 346 -20.55 -3.63 4.93
N MET A 347 -21.70 -3.75 5.60
CA MET A 347 -22.13 -5.02 6.15
C MET A 347 -22.69 -5.96 5.11
N GLY A 348 -23.38 -5.44 4.09
CA GLY A 348 -23.93 -6.27 3.05
C GLY A 348 -25.22 -6.96 3.44
N TYR A 349 -25.13 -7.95 4.32
CA TYR A 349 -26.32 -8.67 4.76
C TYR A 349 -27.11 -7.82 5.75
N ASN A 350 -28.43 -7.76 5.52
CA ASN A 350 -29.29 -7.01 6.43
C ASN A 350 -29.31 -7.65 7.82
N ILE A 351 -29.33 -8.98 7.89
CA ILE A 351 -29.35 -9.66 9.18
C ILE A 351 -28.08 -9.35 9.95
N LEU A 352 -26.93 -9.38 9.27
CA LEU A 352 -25.67 -9.07 9.93
C LEU A 352 -25.65 -7.64 10.44
N ARG A 353 -26.13 -6.69 9.64
CA ARG A 353 -26.17 -5.30 10.07
C ARG A 353 -27.08 -5.13 11.28
N VAL A 354 -28.23 -5.79 11.28
CA VAL A 354 -29.15 -5.69 12.42
C VAL A 354 -28.50 -6.29 13.67
N LEU A 355 -27.83 -7.44 13.53
CA LEU A 355 -27.26 -8.10 14.69
C LEU A 355 -26.05 -7.34 15.22
N ILE A 356 -25.37 -6.59 14.35
CA ILE A 356 -24.15 -5.88 14.77
C ILE A 356 -24.46 -4.85 15.85
N TRP A 357 -25.52 -4.07 15.66
CA TRP A 357 -25.86 -3.04 16.65
C TRP A 357 -26.19 -3.67 18.00
N PHE A 358 -26.98 -4.74 17.99
CA PHE A 358 -27.33 -5.42 19.23
C PHE A 358 -26.10 -5.98 19.92
N ILE A 359 -25.19 -6.59 19.14
CA ILE A 359 -23.99 -7.17 19.72
C ILE A 359 -23.13 -6.08 20.34
N SER A 360 -22.97 -4.96 19.63
CA SER A 360 -22.16 -3.87 20.15
C SER A 360 -22.77 -3.29 21.43
N ILE A 361 -24.09 -3.10 21.45
CA ILE A 361 -24.75 -2.55 22.62
C ILE A 361 -24.58 -3.49 23.80
N LEU A 362 -24.79 -4.79 23.58
CA LEU A 362 -24.66 -5.77 24.65
C LEU A 362 -23.22 -5.80 25.18
N ALA A 363 -22.23 -5.77 24.29
CA ALA A 363 -20.84 -5.79 24.72
C ALA A 363 -20.51 -4.55 25.54
N ILE A 364 -20.95 -3.39 25.08
CA ILE A 364 -20.66 -2.14 25.80
C ILE A 364 -21.31 -2.18 27.19
N THR A 365 -22.58 -2.59 27.25
CA THR A 365 -23.27 -2.64 28.53
C THR A 365 -22.60 -3.63 29.48
N GLY A 366 -22.22 -4.80 28.97
CA GLY A 366 -21.57 -5.79 29.82
C GLY A 366 -20.24 -5.29 30.35
N ASN A 367 -19.43 -4.68 29.47
CA ASN A 367 -18.15 -4.16 29.91
C ASN A 367 -18.32 -3.06 30.96
N ILE A 368 -19.27 -2.15 30.73
CA ILE A 368 -19.50 -1.07 31.69
C ILE A 368 -19.94 -1.63 33.03
N ILE A 369 -20.87 -2.59 33.00
CA ILE A 369 -21.37 -3.18 34.25
C ILE A 369 -20.24 -3.90 34.98
N VAL A 370 -19.43 -4.66 34.26
CA VAL A 370 -18.33 -5.40 34.89
C VAL A 370 -17.34 -4.42 35.52
N LEU A 371 -16.98 -3.36 34.79
CA LEU A 371 -16.04 -2.40 35.33
C LEU A 371 -16.60 -1.71 36.56
N VAL A 372 -17.88 -1.32 36.53
CA VAL A 372 -18.49 -0.65 37.67
C VAL A 372 -18.51 -1.58 38.88
N ILE A 373 -18.89 -2.84 38.67
CA ILE A 373 -18.95 -3.80 39.77
C ILE A 373 -17.55 -4.01 40.36
N LEU A 374 -16.54 -4.16 39.51
CA LEU A 374 -15.19 -4.38 40.00
C LEU A 374 -14.68 -3.17 40.78
N THR A 375 -14.94 -1.96 40.27
CA THR A 375 -14.44 -0.77 40.95
C THR A 375 -15.17 -0.50 42.27
N THR A 376 -16.48 -0.72 42.30
CA THR A 376 -17.27 -0.42 43.49
C THR A 376 -17.28 -1.54 44.51
N SER A 377 -16.70 -2.69 44.20
CA SER A 377 -16.70 -3.81 45.14
C SER A 377 -15.99 -3.41 46.43
N GLN A 378 -16.63 -3.72 47.57
CA GLN A 378 -16.02 -3.40 48.86
C GLN A 378 -14.84 -4.31 49.17
N TYR A 379 -14.82 -5.51 48.59
CA TYR A 379 -13.73 -6.45 48.85
C TYR A 379 -12.44 -5.95 48.21
N LYS A 380 -11.31 -6.47 48.70
CA LYS A 380 -10.02 -6.08 48.17
C LYS A 380 -9.91 -6.46 46.70
N LEU A 381 -9.22 -5.61 45.94
CA LEU A 381 -9.04 -5.82 44.50
C LEU A 381 -7.82 -6.72 44.29
N THR A 382 -8.06 -7.96 43.92
CA THR A 382 -6.98 -8.91 43.69
C THR A 382 -6.46 -8.80 42.26
N VAL A 383 -5.30 -9.41 42.03
CA VAL A 383 -4.66 -9.41 40.71
C VAL A 383 -5.64 -9.95 39.67
N PRO A 384 -6.32 -11.06 39.94
CA PRO A 384 -7.36 -11.51 38.99
C PRO A 384 -8.42 -10.45 38.74
N ARG A 385 -8.76 -9.67 39.76
CA ARG A 385 -9.72 -8.59 39.56
C ARG A 385 -9.18 -7.56 38.58
N PHE A 386 -7.90 -7.21 38.69
CA PHE A 386 -7.31 -6.27 37.75
C PHE A 386 -7.28 -6.84 36.34
N LEU A 387 -6.96 -8.13 36.22
CA LEU A 387 -6.96 -8.76 34.90
C LEU A 387 -8.36 -8.75 34.29
N MET A 388 -9.38 -9.04 35.10
CA MET A 388 -10.76 -8.99 34.61
C MET A 388 -11.14 -7.58 34.20
N CYS A 389 -10.70 -6.58 34.96
CA CYS A 389 -10.99 -5.20 34.59
C CYS A 389 -10.34 -4.83 33.27
N ASN A 390 -9.09 -5.25 33.06
CA ASN A 390 -8.41 -4.97 31.80
C ASN A 390 -9.13 -5.67 30.64
N LEU A 391 -9.54 -6.92 30.84
CA LEU A 391 -10.28 -7.63 29.81
C LEU A 391 -11.59 -6.93 29.49
N ALA A 392 -12.29 -6.45 30.53
CA ALA A 392 -13.54 -5.72 30.32
C ALA A 392 -13.31 -4.44 29.56
N PHE A 393 -12.21 -3.73 29.86
CA PHE A 393 -11.89 -2.52 29.12
C PHE A 393 -11.62 -2.82 27.65
N ALA A 394 -10.87 -3.89 27.38
CA ALA A 394 -10.62 -4.28 25.99
C ALA A 394 -11.91 -4.63 25.28
N ASP A 395 -12.79 -5.37 25.96
CA ASP A 395 -14.08 -5.72 25.37
C ASP A 395 -14.92 -4.48 25.10
N LEU A 396 -14.89 -3.51 26.02
CA LEU A 396 -15.62 -2.27 25.80
C LEU A 396 -15.08 -1.50 24.60
N CYS A 397 -13.75 -1.47 24.45
CA CYS A 397 -13.17 -0.82 23.28
C CYS A 397 -13.59 -1.53 21.98
N ILE A 398 -13.57 -2.87 22.00
CA ILE A 398 -13.99 -3.62 20.82
C ILE A 398 -15.45 -3.33 20.50
N GLY A 399 -16.31 -3.28 21.53
CA GLY A 399 -17.71 -2.99 21.32
C GLY A 399 -17.93 -1.59 20.79
N ILE A 400 -17.15 -0.62 21.26
CA ILE A 400 -17.24 0.74 20.76
C ILE A 400 -16.85 0.78 19.28
N TYR A 401 -15.78 0.07 18.91
CA TYR A 401 -15.40 0.01 17.50
C TYR A 401 -16.50 -0.62 16.66
N LEU A 402 -17.10 -1.70 17.16
CA LEU A 402 -18.18 -2.36 16.43
C LEU A 402 -19.39 -1.44 16.27
N LEU A 403 -19.73 -0.70 17.33
CA LEU A 403 -20.84 0.24 17.25
C LEU A 403 -20.56 1.35 16.25
N LEU A 404 -19.32 1.85 16.22
CA LEU A 404 -18.96 2.86 15.23
C LEU A 404 -19.08 2.31 13.82
N ILE A 405 -18.62 1.06 13.61
CA ILE A 405 -18.73 0.45 12.29
C ILE A 405 -20.19 0.30 11.89
N ALA A 406 -21.03 -0.14 12.82
CA ALA A 406 -22.45 -0.32 12.52
C ALA A 406 -23.10 1.03 12.18
N SER A 407 -22.76 2.08 12.93
CA SER A 407 -23.31 3.40 12.65
C SER A 407 -22.87 3.88 11.27
N VAL A 408 -21.60 3.66 10.93
CA VAL A 408 -21.11 4.06 9.62
C VAL A 408 -21.86 3.32 8.52
N ASP A 409 -22.05 2.01 8.69
CA ASP A 409 -22.77 1.22 7.69
C ASP A 409 -24.21 1.69 7.56
N ILE A 410 -24.87 1.99 8.67
CA ILE A 410 -26.28 2.40 8.62
C ILE A 410 -26.41 3.77 7.96
N HIS A 411 -25.46 4.68 8.24
CA HIS A 411 -25.54 6.02 7.67
C HIS A 411 -25.49 5.98 6.15
N THR A 412 -24.60 5.16 5.59
CA THR A 412 -24.42 5.06 4.15
C THR A 412 -25.15 3.86 3.54
N LYS A 413 -26.31 3.51 4.09
CA LYS A 413 -27.07 2.38 3.55
C LYS A 413 -27.55 2.66 2.14
N SER A 414 -27.22 1.76 1.22
CA SER A 414 -27.64 1.88 -0.18
C SER A 414 -26.87 2.98 -0.89
N GLN A 415 -25.95 3.64 -0.20
CA GLN A 415 -25.14 4.72 -0.76
C GLN A 415 -23.68 4.65 -0.33
N TYR A 416 -23.21 3.47 0.06
CA TYR A 416 -21.83 3.35 0.52
C TYR A 416 -20.83 3.71 -0.57
N HIS A 417 -21.19 3.47 -1.83
CA HIS A 417 -20.25 3.74 -2.92
C HIS A 417 -19.88 5.21 -2.98
N ASN A 418 -20.87 6.10 -2.81
CA ASN A 418 -20.58 7.53 -2.85
C ASN A 418 -19.65 7.93 -1.71
N TYR A 419 -19.87 7.39 -0.51
CA TYR A 419 -19.06 7.73 0.65
C TYR A 419 -17.94 6.71 0.91
N ALA A 420 -17.76 5.73 0.03
CA ALA A 420 -16.73 4.72 0.26
C ALA A 420 -15.34 5.36 0.27
N ILE A 421 -15.08 6.26 -0.69
CA ILE A 421 -13.77 6.90 -0.76
C ILE A 421 -13.51 7.73 0.48
N ASP A 422 -14.50 8.51 0.92
CA ASP A 422 -14.33 9.33 2.11
C ASP A 422 -14.10 8.48 3.34
N TRP A 423 -14.87 7.39 3.49
CA TRP A 423 -14.73 6.55 4.68
C TRP A 423 -13.37 5.85 4.71
N GLN A 424 -12.99 5.22 3.59
CA GLN A 424 -11.72 4.52 3.55
C GLN A 424 -10.54 5.46 3.71
N THR A 425 -10.56 6.60 3.02
CA THR A 425 -9.48 7.58 3.13
C THR A 425 -9.63 8.49 4.33
N GLY A 426 -10.81 8.53 4.95
CA GLY A 426 -11.03 9.40 6.09
C GLY A 426 -10.34 8.88 7.34
N ALA A 427 -10.22 9.79 8.32
CA ALA A 427 -9.59 9.43 9.58
C ALA A 427 -10.44 8.42 10.36
N GLY A 428 -11.74 8.32 10.04
CA GLY A 428 -12.60 7.41 10.77
C GLY A 428 -12.19 5.96 10.61
N CYS A 429 -11.87 5.54 9.38
CA CYS A 429 -11.46 4.17 9.15
C CYS A 429 -10.15 3.86 9.87
N ASP A 430 -9.17 4.77 9.82
CA ASP A 430 -7.92 4.55 10.53
C ASP A 430 -8.14 4.45 12.02
N ALA A 431 -8.99 5.33 12.58
CA ALA A 431 -9.28 5.28 14.00
C ALA A 431 -9.95 3.97 14.38
N ALA A 432 -10.90 3.51 13.57
CA ALA A 432 -11.57 2.25 13.86
C ALA A 432 -10.61 1.08 13.81
N GLY A 433 -9.73 1.05 12.80
CA GLY A 433 -8.76 -0.02 12.71
C GLY A 433 -7.79 -0.01 13.88
N PHE A 434 -7.31 1.17 14.26
CA PHE A 434 -6.40 1.27 15.40
C PHE A 434 -7.08 0.80 16.68
N PHE A 435 -8.33 1.22 16.88
CA PHE A 435 -9.07 0.81 18.07
C PHE A 435 -9.26 -0.70 18.11
N THR A 436 -9.63 -1.30 16.97
CA THR A 436 -9.82 -2.74 16.93
C THR A 436 -8.52 -3.48 17.22
N VAL A 437 -7.42 -3.02 16.62
CA VAL A 437 -6.12 -3.67 16.84
C VAL A 437 -5.72 -3.55 18.31
N PHE A 438 -5.88 -2.36 18.88
CA PHE A 438 -5.52 -2.16 20.28
C PHE A 438 -6.36 -3.04 21.19
N ALA A 439 -7.67 -3.12 20.93
CA ALA A 439 -8.54 -3.95 21.76
C ALA A 439 -8.14 -5.42 21.67
N SER A 440 -7.88 -5.91 20.46
CA SER A 440 -7.48 -7.31 20.31
C SER A 440 -6.16 -7.58 21.02
N GLU A 441 -5.17 -6.70 20.86
CA GLU A 441 -3.88 -6.89 21.51
C GLU A 441 -4.02 -6.87 23.02
N LEU A 442 -4.81 -5.93 23.55
CA LEU A 442 -5.01 -5.85 25.00
C LEU A 442 -5.69 -7.09 25.53
N SER A 443 -6.72 -7.57 24.81
CA SER A 443 -7.41 -8.78 25.25
C SER A 443 -6.47 -9.98 25.25
N VAL A 444 -5.68 -10.13 24.18
CA VAL A 444 -4.74 -11.26 24.11
C VAL A 444 -3.72 -11.18 25.24
N TYR A 445 -3.16 -9.99 25.48
CA TYR A 445 -2.17 -9.84 26.53
C TYR A 445 -2.76 -10.14 27.90
N THR A 446 -3.98 -9.64 28.15
CA THR A 446 -4.62 -9.88 29.44
C THR A 446 -4.91 -11.37 29.64
N LEU A 447 -5.40 -12.04 28.60
CA LEU A 447 -5.67 -13.47 28.72
C LEU A 447 -4.37 -14.25 28.97
N THR A 448 -3.30 -13.91 28.25
CA THR A 448 -2.03 -14.59 28.45
C THR A 448 -1.51 -14.36 29.87
N ALA A 449 -1.59 -13.13 30.36
CA ALA A 449 -1.11 -12.83 31.71
C ALA A 449 -1.92 -13.59 32.75
N ILE A 450 -3.25 -13.63 32.58
CA ILE A 450 -4.09 -14.34 33.54
C ILE A 450 -3.76 -15.83 33.53
N THR A 451 -3.59 -16.40 32.34
CA THR A 451 -3.25 -17.82 32.24
C THR A 451 -1.90 -18.11 32.90
N LEU A 452 -0.91 -17.25 32.66
CA LEU A 452 0.40 -17.45 33.27
C LEU A 452 0.33 -17.36 34.78
N GLU A 453 -0.41 -16.38 35.30
CA GLU A 453 -0.55 -16.23 36.74
C GLU A 453 -1.24 -17.44 37.35
N ARG A 454 -2.30 -17.93 36.70
CA ARG A 454 -3.00 -19.11 37.21
C ARG A 454 -2.09 -20.33 37.21
N TRP A 455 -1.33 -20.51 36.13
CA TRP A 455 -0.42 -21.65 36.06
C TRP A 455 0.65 -21.56 37.14
N HIS A 456 1.21 -20.37 37.35
CA HIS A 456 2.21 -20.21 38.41
C HIS A 456 1.62 -20.49 39.78
N THR A 457 0.39 -20.01 40.04
CA THR A 457 -0.24 -20.24 41.33
C THR A 457 -0.53 -21.72 41.55
N ILE A 458 -0.94 -22.43 40.51
CA ILE A 458 -1.33 -23.83 40.68
C ILE A 458 -0.11 -24.75 40.73
N THR A 459 0.76 -24.70 39.73
CA THR A 459 1.91 -25.59 39.70
C THR A 459 2.95 -25.23 40.75
N HIS A 460 2.90 -24.01 41.28
CA HIS A 460 3.85 -23.56 42.28
C HIS A 460 3.13 -23.25 43.59
N ALA A 461 2.23 -24.14 44.01
CA ALA A 461 1.41 -23.93 45.19
C ALA A 461 2.21 -23.48 46.41
N MET A 462 3.53 -23.71 46.44
CA MET A 462 4.37 -23.18 47.51
C MET A 462 4.39 -21.67 47.54
N GLN A 463 4.45 -21.02 46.38
CA GLN A 463 4.36 -19.56 46.28
C GLN A 463 2.96 -19.22 45.78
N LEU A 464 2.38 -18.16 46.35
CA LEU A 464 0.99 -17.82 46.03
C LEU A 464 0.79 -17.65 44.52
N ASP A 465 1.62 -16.85 43.87
CA ASP A 465 1.56 -16.67 42.42
C ASP A 465 2.96 -16.71 41.84
N CYS A 466 3.77 -17.65 42.33
CA CYS A 466 5.17 -17.75 41.91
C CYS A 466 5.91 -16.44 42.17
N LYS A 467 5.75 -15.91 43.38
CA LYS A 467 6.34 -14.62 43.74
C LYS A 467 5.77 -13.52 42.87
N VAL A 468 4.45 -13.36 42.88
CA VAL A 468 3.75 -12.35 42.11
C VAL A 468 2.94 -11.48 43.06
N GLN A 469 3.05 -10.17 42.90
CA GLN A 469 2.34 -9.21 43.74
C GLN A 469 1.51 -8.28 42.88
N LEU A 470 0.72 -7.43 43.53
CA LEU A 470 -0.13 -6.49 42.80
C LEU A 470 0.70 -5.53 41.95
N ARG A 471 1.83 -5.06 42.47
CA ARG A 471 2.67 -4.15 41.71
C ARG A 471 3.19 -4.80 40.44
N HIS A 472 3.61 -6.07 40.54
CA HIS A 472 4.09 -6.78 39.35
C HIS A 472 2.97 -6.93 38.32
N ALA A 473 1.77 -7.26 38.77
CA ALA A 473 0.64 -7.38 37.85
C ALA A 473 0.34 -6.06 37.17
N ALA A 474 0.38 -4.96 37.94
CA ALA A 474 0.13 -3.64 37.37
C ALA A 474 1.19 -3.29 36.33
N SER A 475 2.45 -3.59 36.63
CA SER A 475 3.53 -3.32 35.68
C SER A 475 3.35 -4.13 34.40
N VAL A 476 2.99 -5.41 34.56
CA VAL A 476 2.76 -6.25 33.38
C VAL A 476 1.61 -5.72 32.55
N MET A 477 0.52 -5.30 33.20
CA MET A 477 -0.61 -4.74 32.47
C MET A 477 -0.21 -3.46 31.74
N VAL A 478 0.58 -2.60 32.39
CA VAL A 478 1.03 -1.37 31.74
C VAL A 478 1.88 -1.68 30.52
N MET A 479 2.80 -2.65 30.65
CA MET A 479 3.63 -3.03 29.52
C MET A 479 2.79 -3.59 28.38
N GLY A 480 1.81 -4.43 28.71
CA GLY A 480 0.94 -4.97 27.67
C GLY A 480 0.14 -3.88 26.97
N TRP A 481 -0.37 -2.91 27.74
CA TRP A 481 -1.11 -1.81 27.15
C TRP A 481 -0.21 -0.98 26.24
N ILE A 482 1.03 -0.75 26.66
CA ILE A 482 1.97 0.00 25.82
C ILE A 482 2.24 -0.74 24.53
N PHE A 483 2.46 -2.05 24.62
CA PHE A 483 2.70 -2.85 23.43
C PHE A 483 1.50 -2.82 22.49
N ALA A 484 0.30 -2.94 23.05
CA ALA A 484 -0.91 -2.89 22.23
C ALA A 484 -1.06 -1.55 21.54
N PHE A 485 -0.79 -0.45 22.27
CA PHE A 485 -0.87 0.87 21.66
C PHE A 485 0.16 1.02 20.54
N ALA A 486 1.39 0.53 20.76
CA ALA A 486 2.40 0.60 19.72
C ALA A 486 1.98 -0.19 18.48
N ALA A 487 1.42 -1.38 18.68
CA ALA A 487 0.96 -2.18 17.56
C ALA A 487 -0.16 -1.48 16.81
N ALA A 488 -1.11 -0.89 17.55
CA ALA A 488 -2.22 -0.20 16.91
C ALA A 488 -1.76 1.05 16.18
N LEU A 489 -0.64 1.64 16.62
CA LEU A 489 -0.13 2.84 15.96
C LEU A 489 0.65 2.51 14.70
N PHE A 490 1.03 1.24 14.51
CA PHE A 490 1.83 0.88 13.34
C PHE A 490 1.12 1.21 12.03
N PRO A 491 -0.14 0.84 11.83
CA PRO A 491 -0.81 1.22 10.56
C PRO A 491 -0.83 2.72 10.32
N ILE A 492 -0.97 3.53 11.37
CA ILE A 492 -0.98 4.97 11.20
C ILE A 492 0.38 5.47 10.72
N PHE A 493 1.45 4.76 11.06
CA PHE A 493 2.80 5.17 10.71
C PHE A 493 3.24 4.63 9.35
N GLY A 494 2.30 4.22 8.51
CA GLY A 494 2.62 3.74 7.17
C GLY A 494 2.92 2.27 7.07
N ILE A 495 2.99 1.54 8.18
CA ILE A 495 3.20 0.10 8.17
C ILE A 495 1.87 -0.54 7.85
N SER A 496 1.65 -0.87 6.57
CA SER A 496 0.36 -1.34 6.09
C SER A 496 -0.67 -0.22 6.21
N SER A 497 -1.91 -0.48 5.79
CA SER A 497 -2.95 0.54 5.82
C SER A 497 -4.30 -0.13 6.08
N TYR A 498 -5.13 0.56 6.87
CA TYR A 498 -6.47 0.07 7.15
C TYR A 498 -7.47 0.39 6.06
N MET A 499 -7.13 1.31 5.14
CA MET A 499 -8.06 1.68 4.07
C MET A 499 -8.24 0.55 3.06
N LYS A 500 -7.42 -0.50 3.11
CA LYS A 500 -7.52 -1.60 2.16
C LYS A 500 -8.84 -2.36 2.27
N VAL A 501 -9.54 -2.25 3.40
CA VAL A 501 -10.81 -2.93 3.61
C VAL A 501 -11.82 -1.94 4.17
N SER A 502 -13.10 -2.21 3.91
CA SER A 502 -14.15 -1.34 4.42
C SER A 502 -14.30 -1.45 5.93
N ILE A 503 -13.85 -2.56 6.52
CA ILE A 503 -13.96 -2.77 7.96
C ILE A 503 -12.75 -2.16 8.67
N CYS A 504 -11.90 -1.44 7.92
CA CYS A 504 -10.72 -0.78 8.44
C CYS A 504 -9.65 -1.76 8.91
N LEU A 505 -9.76 -3.03 8.54
CA LEU A 505 -8.76 -4.00 8.95
C LEU A 505 -7.44 -3.73 8.23
N PRO A 506 -6.31 -3.99 8.90
CA PRO A 506 -5.01 -3.76 8.25
C PRO A 506 -4.62 -4.90 7.31
N MET A 507 -5.46 -5.17 6.31
CA MET A 507 -5.21 -6.26 5.38
C MET A 507 -4.15 -5.92 4.35
N ASP A 508 -3.73 -4.66 4.26
CA ASP A 508 -2.73 -4.27 3.27
C ASP A 508 -1.42 -5.01 3.52
N ILE A 509 -1.05 -5.87 2.56
CA ILE A 509 0.19 -6.63 2.62
C ILE A 509 0.99 -6.52 1.33
N ASP A 510 0.68 -5.54 0.49
CA ASP A 510 1.39 -5.40 -0.78
C ASP A 510 2.88 -5.17 -0.56
N SER A 511 3.23 -4.27 0.36
CA SER A 511 4.63 -4.01 0.64
C SER A 511 5.20 -5.12 1.53
N PRO A 512 6.49 -5.44 1.39
CA PRO A 512 7.07 -6.47 2.28
C PRO A 512 6.95 -6.13 3.74
N LEU A 513 7.05 -4.86 4.11
CA LEU A 513 6.99 -4.47 5.52
C LEU A 513 5.62 -4.78 6.11
N SER A 514 4.54 -4.44 5.39
CA SER A 514 3.20 -4.67 5.91
C SER A 514 2.93 -6.18 6.05
N GLN A 515 3.33 -6.96 5.05
CA GLN A 515 3.14 -8.41 5.13
C GLN A 515 3.94 -9.00 6.28
N LEU A 516 5.17 -8.53 6.47
CA LEU A 516 5.98 -9.02 7.58
C LEU A 516 5.35 -8.68 8.92
N TYR A 517 4.83 -7.46 9.05
CA TYR A 517 4.18 -7.06 10.31
C TYR A 517 2.94 -7.91 10.57
N VAL A 518 2.13 -8.14 9.54
CA VAL A 518 0.94 -8.96 9.71
C VAL A 518 1.30 -10.38 10.10
N MET A 519 2.32 -10.94 9.45
CA MET A 519 2.76 -12.30 9.78
C MET A 519 3.28 -12.37 11.21
N SER A 520 4.04 -11.35 11.63
CA SER A 520 4.56 -11.33 13.00
C SER A 520 3.42 -11.25 14.01
N LEU A 521 2.42 -10.42 13.74
CA LEU A 521 1.28 -10.32 14.65
C LEU A 521 0.52 -11.65 14.73
N LEU A 522 0.30 -12.29 13.58
CA LEU A 522 -0.38 -13.58 13.57
C LEU A 522 0.41 -14.63 14.33
N VAL A 523 1.73 -14.64 14.15
CA VAL A 523 2.57 -15.62 14.83
C VAL A 523 2.54 -15.37 16.33
N LEU A 524 2.60 -14.11 16.75
CA LEU A 524 2.54 -13.80 18.18
C LEU A 524 1.20 -14.25 18.77
N ASN A 525 0.11 -13.99 18.06
CA ASN A 525 -1.20 -14.42 18.54
C ASN A 525 -1.28 -15.93 18.65
N VAL A 526 -0.76 -16.65 17.65
CA VAL A 526 -0.80 -18.11 17.67
C VAL A 526 0.03 -18.63 18.84
N LEU A 527 1.22 -18.06 19.05
CA LEU A 527 2.07 -18.50 20.15
C LEU A 527 1.41 -18.24 21.49
N ALA A 528 0.77 -17.08 21.65
CA ALA A 528 0.08 -16.78 22.90
C ALA A 528 -1.06 -17.77 23.13
N PHE A 529 -1.82 -18.07 22.08
CA PHE A 529 -2.91 -19.02 22.22
C PHE A 529 -2.39 -20.41 22.60
N VAL A 530 -1.30 -20.84 21.98
CA VAL A 530 -0.74 -22.15 22.28
C VAL A 530 -0.25 -22.19 23.72
N VAL A 531 0.43 -21.13 24.17
CA VAL A 531 0.92 -21.09 25.54
C VAL A 531 -0.25 -21.13 26.52
N ILE A 532 -1.31 -20.38 26.24
CA ILE A 532 -2.47 -20.36 27.11
C ILE A 532 -3.10 -21.74 27.18
N CYS A 533 -3.23 -22.40 26.02
CA CYS A 533 -3.83 -23.73 26.00
C CYS A 533 -2.98 -24.73 26.79
N GLY A 534 -1.66 -24.67 26.62
CA GLY A 534 -0.80 -25.56 27.38
C GLY A 534 -0.88 -25.32 28.88
N CYS A 535 -0.88 -24.05 29.29
CA CYS A 535 -1.00 -23.72 30.70
C CYS A 535 -2.33 -24.21 31.27
N TYR A 536 -3.41 -24.01 30.52
CA TYR A 536 -4.72 -24.48 30.98
C TYR A 536 -4.76 -26.00 31.10
N ILE A 537 -4.17 -26.71 30.12
CA ILE A 537 -4.14 -28.17 30.19
C ILE A 537 -3.36 -28.62 31.41
N HIS A 538 -2.21 -28.00 31.65
CA HIS A 538 -1.40 -28.36 32.81
C HIS A 538 -2.14 -28.10 34.12
N ILE A 539 -2.83 -26.95 34.19
CA ILE A 539 -3.57 -26.61 35.41
C ILE A 539 -4.69 -27.61 35.64
N TYR A 540 -5.41 -27.97 34.57
CA TYR A 540 -6.48 -28.96 34.70
C TYR A 540 -5.95 -30.31 35.13
N LEU A 541 -4.83 -30.75 34.57
CA LEU A 541 -4.23 -32.02 34.96
C LEU A 541 -3.83 -31.99 36.43
N THR A 542 -3.22 -30.88 36.88
CA THR A 542 -2.80 -30.77 38.27
C THR A 542 -3.99 -30.78 39.21
N VAL A 543 -5.07 -30.09 38.84
CA VAL A 543 -6.22 -29.98 39.72
C VAL A 543 -6.84 -31.35 39.98
N ARG A 544 -6.97 -32.17 38.93
CA ARG A 544 -7.59 -33.48 39.06
C ARG A 544 -6.65 -34.53 39.64
N ASN A 545 -5.38 -34.19 39.86
CA ASN A 545 -4.44 -35.15 40.41
C ASN A 545 -4.81 -35.47 41.86
N PRO A 546 -5.04 -36.73 42.22
CA PRO A 546 -5.40 -37.03 43.61
C PRO A 546 -4.29 -36.77 44.60
N ASN A 547 -3.03 -36.69 44.15
CA ASN A 547 -1.92 -36.49 45.08
C ASN A 547 -1.87 -35.07 45.64
N ILE A 548 -2.59 -34.13 45.03
CA ILE A 548 -2.59 -32.73 45.47
C ILE A 548 -4.00 -32.38 45.93
N VAL A 549 -4.09 -31.74 47.10
CA VAL A 549 -5.37 -31.33 47.66
C VAL A 549 -5.74 -29.96 47.09
N SER A 550 -6.44 -29.95 45.96
CA SER A 550 -6.82 -28.70 45.32
C SER A 550 -7.93 -28.01 46.12
N SER A 551 -7.79 -26.71 46.31
CA SER A 551 -8.81 -25.95 47.03
C SER A 551 -10.02 -25.68 46.16
N SER A 552 -11.16 -25.41 46.81
CA SER A 552 -12.37 -25.09 46.06
C SER A 552 -12.22 -23.82 45.25
N SER A 553 -11.58 -22.79 45.82
CA SER A 553 -11.33 -21.57 45.07
C SER A 553 -10.46 -21.85 43.86
N ASP A 554 -9.48 -22.74 44.00
CA ASP A 554 -8.67 -23.15 42.86
C ASP A 554 -9.52 -23.79 41.78
N THR A 555 -10.46 -24.65 42.19
CA THR A 555 -11.34 -25.29 41.22
C THR A 555 -12.21 -24.26 40.49
N ARG A 556 -12.76 -23.29 41.23
CA ARG A 556 -13.58 -22.26 40.59
C ARG A 556 -12.76 -21.43 39.62
N ILE A 557 -11.54 -21.06 40.02
CA ILE A 557 -10.67 -20.28 39.13
C ILE A 557 -10.34 -21.08 37.89
N ALA A 558 -10.07 -22.38 38.05
CA ALA A 558 -9.77 -23.23 36.91
C ALA A 558 -10.97 -23.32 35.97
N LYS A 559 -12.18 -23.46 36.52
CA LYS A 559 -13.36 -23.52 35.67
C LYS A 559 -13.56 -22.21 34.90
N ARG A 560 -13.40 -21.08 35.58
CA ARG A 560 -13.56 -19.78 34.91
C ARG A 560 -12.52 -19.61 33.82
N MET A 561 -11.27 -19.98 34.10
CA MET A 561 -10.20 -19.87 33.12
C MET A 561 -10.47 -20.78 31.93
N ALA A 562 -10.95 -21.99 32.18
CA ALA A 562 -11.28 -22.91 31.10
C ALA A 562 -12.37 -22.35 30.22
N MET A 563 -13.42 -21.80 30.83
CA MET A 563 -14.50 -21.22 30.03
C MET A 563 -14.00 -20.05 29.19
N LEU A 564 -13.20 -19.16 29.80
CA LEU A 564 -12.68 -18.02 29.05
C LEU A 564 -11.79 -18.47 27.91
N ILE A 565 -10.92 -19.45 28.17
CA ILE A 565 -10.02 -19.94 27.14
C ILE A 565 -10.79 -20.59 26.00
N PHE A 566 -11.82 -21.38 26.33
CA PHE A 566 -12.64 -22.00 25.30
C PHE A 566 -13.31 -20.95 24.44
N THR A 567 -13.89 -19.92 25.08
CA THR A 567 -14.55 -18.86 24.31
C THR A 567 -13.55 -18.14 23.40
N ASP A 568 -12.37 -17.81 23.95
CA ASP A 568 -11.37 -17.11 23.16
C ASP A 568 -10.91 -17.95 21.98
N PHE A 569 -10.65 -19.24 22.21
CA PHE A 569 -10.23 -20.12 21.12
C PHE A 569 -11.31 -20.23 20.06
N LEU A 570 -12.56 -20.42 20.47
CA LEU A 570 -13.65 -20.51 19.50
C LEU A 570 -13.75 -19.24 18.68
N CYS A 571 -13.55 -18.08 19.30
CA CYS A 571 -13.66 -16.82 18.59
C CYS A 571 -12.46 -16.54 17.70
N MET A 572 -11.28 -17.05 18.05
CA MET A 572 -10.05 -16.64 17.38
C MET A 572 -9.54 -17.64 16.35
N ALA A 573 -9.64 -18.94 16.61
CA ALA A 573 -8.99 -19.93 15.76
C ALA A 573 -9.41 -19.80 14.30
N PRO A 574 -10.71 -19.68 14.00
CA PRO A 574 -11.12 -19.55 12.60
C PRO A 574 -10.57 -18.29 11.95
N ILE A 575 -10.68 -17.17 12.67
CA ILE A 575 -10.20 -15.90 12.14
C ILE A 575 -8.70 -15.95 11.95
N SER A 576 -7.97 -16.50 12.92
CA SER A 576 -6.52 -16.60 12.80
C SER A 576 -6.12 -17.47 11.62
N PHE A 577 -6.79 -18.60 11.43
CA PHE A 577 -6.48 -19.47 10.31
C PHE A 577 -6.76 -18.77 8.98
N PHE A 578 -7.89 -18.07 8.89
CA PHE A 578 -8.22 -17.35 7.66
C PHE A 578 -7.18 -16.27 7.37
N ALA A 579 -6.77 -15.52 8.41
CA ALA A 579 -5.76 -14.49 8.21
C ALA A 579 -4.44 -15.08 7.76
N ILE A 580 -4.04 -16.20 8.37
CA ILE A 580 -2.78 -16.84 7.99
C ILE A 580 -2.85 -17.30 6.53
N SER A 581 -3.97 -17.91 6.14
CA SER A 581 -4.12 -18.36 4.76
C SER A 581 -4.07 -17.19 3.78
N ALA A 582 -4.75 -16.08 4.12
CA ALA A 582 -4.77 -14.92 3.24
C ALA A 582 -3.37 -14.32 3.11
N SER A 583 -2.64 -14.24 4.22
CA SER A 583 -1.31 -13.63 4.19
C SER A 583 -0.38 -14.39 3.26
N LEU A 584 -0.56 -15.70 3.13
CA LEU A 584 0.29 -16.52 2.28
C LEU A 584 -0.17 -16.53 0.82
N LYS A 585 -0.98 -15.56 0.42
CA LYS A 585 -1.49 -15.47 -0.95
C LYS A 585 -2.37 -16.66 -1.31
N VAL A 586 -3.00 -17.28 -0.33
CA VAL A 586 -3.88 -18.42 -0.55
C VAL A 586 -5.18 -18.18 0.20
N PRO A 587 -6.00 -17.22 -0.23
CA PRO A 587 -7.27 -16.97 0.49
C PRO A 587 -8.26 -18.09 0.26
N LEU A 588 -8.58 -18.79 1.34
CA LEU A 588 -9.52 -19.92 1.31
C LEU A 588 -10.96 -19.50 1.51
N ILE A 589 -11.21 -18.22 1.82
CA ILE A 589 -12.56 -17.72 2.04
C ILE A 589 -12.71 -16.39 1.33
N THR A 590 -13.94 -16.07 0.94
CA THR A 590 -14.25 -14.82 0.27
C THR A 590 -14.26 -13.67 1.26
N VAL A 591 -14.16 -12.44 0.74
CA VAL A 591 -14.15 -11.26 1.59
C VAL A 591 -15.49 -11.11 2.32
N SER A 592 -16.59 -11.45 1.64
CA SER A 592 -17.90 -11.33 2.28
C SER A 592 -18.01 -12.27 3.48
N LYS A 593 -17.56 -13.51 3.32
CA LYS A 593 -17.57 -14.46 4.43
C LYS A 593 -16.66 -14.01 5.56
N ALA A 594 -15.47 -13.50 5.21
CA ALA A 594 -14.54 -13.04 6.23
C ALA A 594 -15.11 -11.87 7.02
N LYS A 595 -15.80 -10.94 6.34
CA LYS A 595 -16.40 -9.82 7.05
C LYS A 595 -17.44 -10.29 8.05
N ILE A 596 -18.30 -11.23 7.64
CA ILE A 596 -19.32 -11.75 8.55
C ILE A 596 -18.67 -12.48 9.71
N LEU A 597 -17.62 -13.26 9.44
CA LEU A 597 -16.94 -13.99 10.50
C LEU A 597 -16.32 -13.01 11.51
N LEU A 598 -15.70 -11.95 11.01
CA LEU A 598 -15.08 -10.98 11.91
C LEU A 598 -16.13 -10.20 12.69
N VAL A 599 -17.29 -9.95 12.09
CA VAL A 599 -18.35 -9.22 12.77
C VAL A 599 -18.98 -10.06 13.86
N LEU A 600 -19.15 -11.36 13.62
CA LEU A 600 -19.87 -12.22 14.56
C LEU A 600 -18.93 -12.86 15.58
N PHE A 601 -17.97 -13.65 15.12
CA PHE A 601 -17.12 -14.42 16.03
C PHE A 601 -16.26 -13.53 16.91
N HIS A 602 -15.63 -12.51 16.31
CA HIS A 602 -14.69 -11.69 17.07
C HIS A 602 -15.34 -10.97 18.24
N PRO A 603 -16.45 -10.25 18.10
CA PRO A 603 -17.10 -9.65 19.26
C PRO A 603 -17.89 -10.63 20.12
N ILE A 604 -18.13 -11.85 19.64
CA ILE A 604 -18.87 -12.83 20.43
C ILE A 604 -18.09 -13.18 21.69
N ASN A 605 -16.77 -13.38 21.55
CA ASN A 605 -15.94 -13.70 22.71
C ASN A 605 -15.96 -12.56 23.72
N SER A 606 -15.85 -11.31 23.24
CA SER A 606 -15.90 -10.17 24.14
C SER A 606 -17.24 -10.07 24.85
N CYS A 607 -18.34 -10.30 24.14
CA CYS A 607 -19.66 -10.23 24.75
C CYS A 607 -19.84 -11.34 25.78
N ALA A 608 -19.31 -12.53 25.51
CA ALA A 608 -19.46 -13.65 26.43
C ALA A 608 -18.50 -13.56 27.61
N ASN A 609 -17.43 -12.78 27.48
CA ASN A 609 -16.45 -12.69 28.56
C ASN A 609 -17.07 -12.23 29.88
N PRO A 610 -17.87 -11.18 29.93
CA PRO A 610 -18.50 -10.82 31.22
C PRO A 610 -19.29 -11.95 31.85
N PHE A 611 -20.24 -12.53 31.11
CA PHE A 611 -21.07 -13.60 31.68
C PHE A 611 -20.22 -14.80 32.09
N LEU A 612 -19.24 -15.17 31.25
CA LEU A 612 -18.41 -16.33 31.55
C LEU A 612 -17.57 -16.11 32.80
N TYR A 613 -17.00 -14.91 32.95
CA TYR A 613 -16.02 -14.68 33.99
C TYR A 613 -16.66 -14.17 35.29
N ALA A 614 -17.32 -13.02 35.23
CA ALA A 614 -17.77 -12.34 36.46
C ALA A 614 -19.21 -12.71 36.80
N ILE A 615 -20.13 -12.57 35.85
CA ILE A 615 -21.55 -12.77 36.15
C ILE A 615 -21.78 -14.17 36.71
N PHE A 616 -21.15 -15.19 36.13
CA PHE A 616 -21.29 -16.55 36.63
C PHE A 616 -20.69 -16.74 38.01
N THR A 617 -19.79 -15.87 38.44
CA THR A 617 -19.18 -16.00 39.76
C THR A 617 -20.17 -15.62 40.85
N LYS A 618 -20.17 -16.40 41.94
CA LYS A 618 -21.05 -16.12 43.06
C LYS A 618 -20.69 -14.79 43.71
N ASN A 619 -19.39 -14.51 43.86
CA ASN A 619 -18.97 -13.26 44.50
C ASN A 619 -19.43 -12.06 43.68
N PHE A 620 -19.29 -12.13 42.35
CA PHE A 620 -19.73 -11.02 41.51
C PHE A 620 -21.24 -10.84 41.59
N ARG A 621 -22.00 -11.94 41.64
CA ARG A 621 -23.45 -11.83 41.79
C ARG A 621 -23.82 -11.18 43.12
N ARG A 622 -23.13 -11.57 44.19
CA ARG A 622 -23.40 -10.95 45.49
C ARG A 622 -23.06 -9.47 45.48
N ASP A 623 -21.95 -9.10 44.85
CA ASP A 623 -21.57 -7.69 44.76
C ASP A 623 -22.61 -6.91 43.97
N PHE A 624 -23.09 -7.46 42.85
CA PHE A 624 -24.11 -6.79 42.06
C PHE A 624 -25.40 -6.63 42.85
N PHE A 625 -25.79 -7.67 43.60
CA PHE A 625 -27.00 -7.57 44.42
C PHE A 625 -26.84 -6.49 45.48
N ILE A 626 -25.67 -6.42 46.12
CA ILE A 626 -25.44 -5.39 47.13
C ILE A 626 -25.51 -4.01 46.50
N LEU A 627 -24.89 -3.84 45.32
CA LEU A 627 -24.91 -2.55 44.65
C LEU A 627 -26.33 -2.17 44.25
N LEU A 628 -27.11 -3.15 43.77
CA LEU A 628 -28.49 -2.87 43.37
C LEU A 628 -29.33 -2.41 44.56
N SER A 629 -29.03 -2.90 45.76
CA SER A 629 -29.77 -2.49 46.94
C SER A 629 -29.59 -1.01 47.25
N LYS A 630 -28.45 -0.43 46.87
CA LYS A 630 -28.20 0.99 47.13
C LYS A 630 -29.19 1.86 46.36
#